data_5SLS
#
_entry.id   5SLS
#
_cell.length_a   67.508
_cell.length_b   67.258
_cell.length_c   138.892
_cell.angle_alpha   90.000
_cell.angle_beta   90.000
_cell.angle_gamma   90.000
#
_symmetry.space_group_name_H-M   'P 21 21 21'
#
loop_
_entity.id
_entity.type
_entity.pdbx_description
1 polymer 'Proofreading exoribonuclease nsp14'
2 non-polymer 'ZINC ION'
3 non-polymer 'PHOSPHATE ION'
4 non-polymer 4-(3-fluoranylpyridin-2-yl)-1-methyl-piperazin-2-one
5 water water
#
_entity_poly.entity_id   1
_entity_poly.type   'polypeptide(L)'
_entity_poly.pdbx_seq_one_letter_code
;SMLFKDCSKVITGLHPTQAPTHLSVDTKFKTEGLCVDIPGIPKDMTYRRLISMMGFKMNYQVNGYPNMFITREEAIRHVR
AWIGFDVEGCHATREAVGTNLPLQLGFSTGVNLVAVPTGYVDTPNNTDFSRVSAKPPPGDQFKHLIPLMYKGLPWNVVRI
KIVQMLSDTLKNLSDRVVFVLWAHGFELTSMKYFVKIGPERTCCLCDRRATCFSTASDTYACWHHSIGFDYVYNPFMIDV
QQWGFTGNLQSNHDLYCQVHGNAHVASCDAIMTRCLAVHECFVKRVDWTIEYPIIGDELKINAACRKVQHMVVKAALLAD
KFPVLHDIGNPKAIKCVPQADVEWKFYDAQPCSDKAYKIEELFYSYATHSDKFTDGVCLFWNCNVDRYPANSIVCRFDTR
VLSNLNLPGCDGGSLYVNKHAFHTPAFDKSAFVNLKQLPFFYYSDSPCESHGKQVVSDIDYVPLKSATCITRCNLGGAVC
RHHANEYRLYLDAYNMMISAGFSLWVYKQFDTYNLWNTFTRLQ
;
_entity_poly.pdbx_strand_id   D
#
loop_
_chem_comp.id
_chem_comp.type
_chem_comp.name
_chem_comp.formula
PO4 non-polymer 'PHOSPHATE ION' 'O4 P -3'
SZE non-polymer 4-(3-fluoranylpyridin-2-yl)-1-methyl-piperazin-2-one 'C10 H12 F N3 O'
ZN non-polymer 'ZINC ION' 'Zn 2'
#
# COMPACT_ATOMS: atom_id res chain seq x y z
N PRO A 20 18.08 -1.85 -21.58
CA PRO A 20 16.88 -2.59 -21.17
C PRO A 20 16.65 -2.68 -19.65
N THR A 21 17.62 -2.23 -18.83
CA THR A 21 17.45 -2.27 -17.37
C THR A 21 17.17 -0.88 -16.78
N HIS A 22 17.97 0.13 -17.14
CA HIS A 22 17.83 1.48 -16.61
C HIS A 22 17.34 2.48 -17.67
N LEU A 23 17.05 3.73 -17.27
CA LEU A 23 16.67 4.76 -18.21
C LEU A 23 17.95 5.40 -18.66
N SER A 24 18.25 5.38 -19.97
CA SER A 24 19.48 5.96 -20.48
C SER A 24 19.44 7.46 -20.43
N VAL A 25 20.57 8.09 -20.08
CA VAL A 25 20.63 9.54 -20.08
C VAL A 25 20.44 10.12 -21.48
N ASP A 26 20.56 9.30 -22.54
CA ASP A 26 20.41 9.78 -23.90
C ASP A 26 18.98 9.61 -24.46
N THR A 27 18.02 9.24 -23.62
CA THR A 27 16.61 9.19 -24.00
C THR A 27 16.10 10.65 -24.05
N LYS A 28 15.16 10.95 -24.95
CA LYS A 28 14.62 12.30 -25.07
C LYS A 28 13.65 12.62 -23.92
N PHE A 29 13.64 13.89 -23.53
CA PHE A 29 12.75 14.40 -22.51
C PHE A 29 11.89 15.45 -23.21
N LYS A 30 10.57 15.24 -23.27
CA LYS A 30 9.65 16.19 -23.88
C LYS A 30 9.60 17.43 -22.98
N THR A 31 10.04 18.59 -23.48
CA THR A 31 10.17 19.80 -22.66
C THR A 31 9.04 20.79 -22.73
N GLU A 32 7.94 20.44 -23.41
CA GLU A 32 6.78 21.33 -23.57
C GLU A 32 6.17 21.78 -22.25
N GLY A 33 6.04 20.85 -21.31
CA GLY A 33 5.51 21.15 -19.99
C GLY A 33 6.41 22.03 -19.14
N LEU A 34 7.64 22.33 -19.59
CA LEU A 34 8.62 23.14 -18.84
C LEU A 34 8.81 24.55 -19.40
N CYS A 35 8.20 24.89 -20.53
CA CYS A 35 8.53 26.17 -21.18
C CYS A 35 7.80 27.41 -20.67
N VAL A 36 6.99 27.29 -19.61
CA VAL A 36 6.36 28.47 -19.00
C VAL A 36 7.27 28.92 -17.85
N ASP A 37 7.74 27.97 -17.01
CA ASP A 37 8.74 28.31 -16.00
C ASP A 37 10.09 28.61 -16.68
N ILE A 38 10.43 27.84 -17.74
CA ILE A 38 11.68 28.01 -18.49
C ILE A 38 11.41 28.41 -19.95
N PRO A 39 11.17 29.71 -20.23
CA PRO A 39 10.92 30.11 -21.62
C PRO A 39 12.17 30.03 -22.50
N GLY A 40 11.98 29.50 -23.68
CA GLY A 40 13.08 29.29 -24.61
C GLY A 40 13.77 27.95 -24.46
N ILE A 41 13.20 27.02 -23.72
CA ILE A 41 13.83 25.71 -23.53
C ILE A 41 13.87 24.95 -24.87
N PRO A 42 14.99 24.30 -25.22
CA PRO A 42 15.05 23.52 -26.47
C PRO A 42 13.98 22.45 -26.58
N LYS A 43 13.40 22.24 -27.75
CA LYS A 43 12.40 21.18 -27.95
C LYS A 43 13.12 19.85 -27.88
N ASP A 44 14.28 19.74 -28.54
CA ASP A 44 15.12 18.55 -28.50
C ASP A 44 15.93 18.65 -27.21
N MET A 45 15.76 17.66 -26.33
CA MET A 45 16.42 17.63 -25.04
C MET A 45 16.51 16.17 -24.59
N THR A 46 17.62 15.79 -23.96
CA THR A 46 17.80 14.44 -23.42
C THR A 46 17.95 14.55 -21.89
N TYR A 47 17.95 13.41 -21.19
CA TYR A 47 18.14 13.40 -19.76
C TYR A 47 19.52 13.97 -19.37
N ARG A 48 20.57 13.65 -20.12
CA ARG A 48 21.94 14.09 -19.92
C ARG A 48 22.05 15.60 -19.89
N ARG A 49 21.42 16.27 -20.86
CA ARG A 49 21.42 17.72 -20.90
C ARG A 49 20.54 18.34 -19.78
N LEU A 50 19.38 17.70 -19.48
CA LEU A 50 18.45 18.13 -18.44
C LEU A 50 19.11 18.07 -17.07
N ILE A 51 19.81 16.98 -16.75
CA ILE A 51 20.49 16.85 -15.45
C ILE A 51 21.52 17.98 -15.30
N SER A 52 22.36 18.18 -16.34
CA SER A 52 23.35 19.25 -16.42
C SER A 52 22.70 20.63 -16.21
N MET A 53 21.56 20.87 -16.86
CA MET A 53 20.73 22.08 -16.79
C MET A 53 20.26 22.36 -15.35
N MET A 54 20.03 21.28 -14.58
CA MET A 54 19.61 21.32 -13.19
C MET A 54 20.73 21.65 -12.20
N GLY A 55 21.99 21.59 -12.64
CA GLY A 55 23.15 21.88 -11.81
C GLY A 55 23.89 20.64 -11.33
N PHE A 56 23.68 19.50 -11.99
CA PHE A 56 24.33 18.25 -11.59
C PHE A 56 25.30 17.74 -12.64
N LYS A 57 26.57 17.64 -12.28
CA LYS A 57 27.60 17.12 -13.17
C LYS A 57 27.69 15.62 -12.86
N MET A 58 27.24 14.77 -13.81
CA MET A 58 27.31 13.32 -13.58
C MET A 58 28.75 12.78 -13.76
N ASN A 59 29.57 13.47 -14.60
CA ASN A 59 30.98 13.18 -14.87
C ASN A 59 31.31 11.70 -15.14
N TYR A 60 30.44 11.01 -15.92
CA TYR A 60 30.55 9.58 -16.30
C TYR A 60 30.88 8.70 -15.10
N GLN A 61 29.91 8.53 -14.21
CA GLN A 61 30.12 7.74 -13.01
C GLN A 61 29.38 6.38 -13.08
N VAL A 62 30.17 5.29 -13.19
CA VAL A 62 29.62 3.94 -13.26
C VAL A 62 29.50 3.27 -11.88
N ASN A 63 29.02 4.03 -10.89
CA ASN A 63 28.87 3.48 -9.55
C ASN A 63 27.42 3.33 -9.16
N GLY A 64 26.71 2.46 -9.87
CA GLY A 64 25.30 2.12 -9.62
C GLY A 64 24.26 3.22 -9.68
N TYR A 65 24.63 4.44 -10.09
CA TYR A 65 23.67 5.55 -10.19
C TYR A 65 23.74 6.10 -11.62
N PRO A 66 23.18 5.37 -12.62
CA PRO A 66 23.34 5.83 -14.02
C PRO A 66 22.54 7.07 -14.38
N ASN A 67 21.46 7.34 -13.68
CA ASN A 67 20.57 8.43 -14.00
C ASN A 67 19.70 8.77 -12.77
N MET A 68 19.45 10.06 -12.52
CA MET A 68 18.54 10.51 -11.48
C MET A 68 17.10 10.12 -11.87
N PHE A 69 16.78 10.07 -13.16
CA PHE A 69 15.46 9.71 -13.65
C PHE A 69 15.36 8.22 -13.89
N ILE A 70 14.14 7.69 -13.78
CA ILE A 70 13.94 6.25 -13.90
C ILE A 70 12.77 5.91 -14.86
N THR A 71 12.69 4.63 -15.26
CA THR A 71 11.65 4.10 -16.15
C THR A 71 10.37 3.86 -15.36
N ARG A 72 9.22 3.72 -16.05
CA ARG A 72 7.94 3.45 -15.38
C ARG A 72 8.02 2.12 -14.63
N GLU A 73 8.67 1.11 -15.21
CA GLU A 73 8.82 -0.22 -14.62
C GLU A 73 9.67 -0.16 -13.34
N GLU A 74 10.70 0.70 -13.32
CA GLU A 74 11.52 0.86 -12.12
C GLU A 74 10.73 1.63 -11.06
N ALA A 75 9.93 2.63 -11.46
CA ALA A 75 9.08 3.35 -10.52
C ALA A 75 8.04 2.41 -9.91
N ILE A 76 7.52 1.46 -10.71
CA ILE A 76 6.53 0.49 -10.23
C ILE A 76 7.20 -0.50 -9.25
N ARG A 77 8.39 -0.97 -9.60
CA ARG A 77 9.15 -1.85 -8.71
C ARG A 77 9.49 -1.20 -7.37
N HIS A 78 9.51 0.15 -7.31
CA HIS A 78 9.85 0.91 -6.11
C HIS A 78 8.74 1.89 -5.75
N VAL A 79 7.47 1.41 -5.76
CA VAL A 79 6.31 2.26 -5.45
C VAL A 79 6.30 2.74 -4.00
N ARG A 80 6.88 1.92 -3.07
CA ARG A 80 6.98 2.28 -1.66
C ARG A 80 7.84 3.53 -1.44
N ALA A 81 8.69 3.90 -2.43
CA ALA A 81 9.54 5.08 -2.35
C ALA A 81 8.88 6.34 -2.90
N TRP A 82 7.74 6.22 -3.61
CA TRP A 82 7.10 7.39 -4.22
C TRP A 82 6.67 8.46 -3.27
N ILE A 83 7.15 9.69 -3.51
CA ILE A 83 6.79 10.91 -2.81
C ILE A 83 6.52 11.93 -3.87
N GLY A 84 5.27 12.34 -4.02
CA GLY A 84 4.90 13.39 -4.95
C GLY A 84 5.58 14.69 -4.55
N PHE A 85 6.18 15.40 -5.52
CA PHE A 85 6.88 16.64 -5.22
C PHE A 85 6.46 17.73 -6.23
N ASP A 86 6.09 18.91 -5.73
CA ASP A 86 5.71 20.04 -6.56
C ASP A 86 6.31 21.33 -6.01
N VAL A 87 6.73 22.25 -6.88
CA VAL A 87 7.23 23.56 -6.45
C VAL A 87 6.42 24.63 -7.15
N GLU A 88 5.87 25.57 -6.39
CA GLU A 88 5.07 26.65 -6.95
C GLU A 88 5.71 28.00 -6.62
N GLY A 89 5.72 28.90 -7.58
CA GLY A 89 6.34 30.20 -7.39
C GLY A 89 5.49 31.17 -6.58
N CYS A 90 5.86 31.42 -5.32
CA CYS A 90 5.10 32.37 -4.47
C CYS A 90 5.29 33.86 -4.89
N HIS A 91 5.99 34.10 -6.00
CA HIS A 91 6.23 35.41 -6.60
C HIS A 91 6.79 35.22 -8.04
N GLY A 98 13.04 31.53 -8.67
CA GLY A 98 13.86 32.31 -9.58
C GLY A 98 14.91 33.18 -8.88
N THR A 99 15.44 32.67 -7.74
CA THR A 99 16.46 33.29 -6.83
C THR A 99 16.05 34.69 -6.28
N ASN A 100 14.94 35.22 -6.76
CA ASN A 100 14.33 36.47 -6.33
C ASN A 100 13.03 36.16 -5.57
N LEU A 101 12.27 35.14 -6.04
CA LEU A 101 11.00 34.73 -5.48
C LEU A 101 11.08 33.60 -4.49
N PRO A 102 10.19 33.60 -3.48
CA PRO A 102 10.14 32.47 -2.55
C PRO A 102 9.39 31.28 -3.16
N LEU A 103 9.80 30.04 -2.85
CA LEU A 103 9.17 28.86 -3.43
C LEU A 103 8.34 28.08 -2.43
N GLN A 104 7.21 27.52 -2.89
CA GLN A 104 6.39 26.69 -2.02
C GLN A 104 6.65 25.26 -2.45
N LEU A 105 7.29 24.47 -1.60
CA LEU A 105 7.64 23.08 -1.87
C LEU A 105 6.55 22.23 -1.27
N GLY A 106 5.96 21.37 -2.05
CA GLY A 106 4.85 20.54 -1.59
C GLY A 106 5.12 19.07 -1.76
N PHE A 107 4.73 18.27 -0.76
CA PHE A 107 4.98 16.83 -0.82
C PHE A 107 3.70 16.05 -0.64
N SER A 108 3.66 14.78 -1.13
CA SER A 108 2.46 13.95 -0.97
C SER A 108 2.20 13.53 0.52
N THR A 109 3.19 13.78 1.40
CA THR A 109 3.05 13.62 2.84
C THR A 109 2.03 14.68 3.39
N GLY A 110 1.78 15.76 2.65
CA GLY A 110 0.87 16.82 3.04
C GLY A 110 1.61 18.05 3.49
N VAL A 111 2.97 18.04 3.47
CA VAL A 111 3.82 19.14 3.92
C VAL A 111 4.03 20.24 2.87
N ASN A 112 3.97 21.51 3.32
CA ASN A 112 4.21 22.70 2.50
C ASN A 112 5.32 23.56 3.14
N LEU A 113 6.54 23.49 2.59
CA LEU A 113 7.64 24.30 3.09
C LEU A 113 7.82 25.55 2.20
N VAL A 114 8.15 26.71 2.79
CA VAL A 114 8.39 27.90 1.97
C VAL A 114 9.86 28.29 2.04
N ALA A 115 10.54 28.31 0.90
CA ALA A 115 11.97 28.62 0.82
C ALA A 115 12.19 30.04 0.34
N VAL A 116 12.99 30.83 1.08
CA VAL A 116 13.34 32.20 0.71
C VAL A 116 14.84 32.25 0.40
N PRO A 117 15.24 32.99 -0.64
CA PRO A 117 16.67 32.98 -1.03
C PRO A 117 17.59 33.91 -0.23
N THR A 118 17.01 34.96 0.42
CA THR A 118 17.66 36.00 1.24
C THR A 118 19.20 36.04 1.17
N PRO A 147 -1.51 18.95 4.03
CA PRO A 147 -2.13 20.28 4.23
C PRO A 147 -1.25 21.28 5.00
N LEU A 148 -0.30 20.76 5.81
CA LEU A 148 0.61 21.49 6.71
C LEU A 148 1.40 22.64 6.04
N MET A 149 0.80 23.85 6.06
CA MET A 149 1.34 25.08 5.47
C MET A 149 2.28 25.88 6.40
N TYR A 150 3.62 25.69 6.24
CA TYR A 150 4.67 26.37 7.03
C TYR A 150 5.15 27.65 6.34
N LYS A 151 5.53 28.69 7.14
CA LYS A 151 6.01 30.02 6.68
C LYS A 151 7.43 30.00 6.05
N GLY A 152 7.79 31.11 5.37
CA GLY A 152 9.04 31.30 4.65
C GLY A 152 10.33 31.33 5.45
N LEU A 153 11.25 30.41 5.12
CA LEU A 153 12.53 30.20 5.80
C LEU A 153 13.67 29.97 4.79
N PRO A 154 14.94 30.24 5.12
CA PRO A 154 16.03 29.99 4.16
C PRO A 154 16.29 28.52 3.87
N TRP A 155 16.83 28.22 2.68
CA TRP A 155 17.15 26.87 2.22
C TRP A 155 17.94 25.98 3.18
N ASN A 156 18.89 26.54 3.93
CA ASN A 156 19.68 25.77 4.89
C ASN A 156 18.84 25.11 5.98
N VAL A 157 17.71 25.73 6.35
CA VAL A 157 16.84 25.13 7.36
C VAL A 157 15.76 24.26 6.67
N VAL A 158 15.32 24.63 5.48
CA VAL A 158 14.34 23.89 4.69
C VAL A 158 14.87 22.50 4.32
N ARG A 159 16.15 22.43 3.89
CA ARG A 159 16.78 21.18 3.51
C ARG A 159 16.90 20.18 4.64
N ILE A 160 16.99 20.69 5.89
CA ILE A 160 17.10 19.91 7.12
C ILE A 160 15.75 19.23 7.46
N LYS A 161 14.66 19.96 7.27
CA LYS A 161 13.30 19.50 7.44
C LYS A 161 12.93 18.48 6.36
N ILE A 162 13.50 18.63 5.12
CA ILE A 162 13.24 17.72 3.99
C ILE A 162 13.81 16.34 4.30
N VAL A 163 15.02 16.30 4.86
CA VAL A 163 15.68 15.06 5.26
C VAL A 163 14.92 14.42 6.43
N GLN A 164 14.48 15.23 7.40
CA GLN A 164 13.67 14.69 8.51
C GLN A 164 12.37 14.05 7.97
N MET A 165 11.62 14.81 7.16
CA MET A 165 10.33 14.41 6.62
C MET A 165 10.40 13.14 5.80
N LEU A 166 11.36 13.05 4.86
CA LEU A 166 11.54 11.86 4.03
C LEU A 166 12.03 10.67 4.84
N SER A 167 12.90 10.88 5.84
CA SER A 167 13.43 9.77 6.63
C SER A 167 12.37 9.16 7.52
N ASP A 168 11.54 10.01 8.15
CA ASP A 168 10.45 9.54 8.98
C ASP A 168 9.39 8.84 8.13
N THR A 169 9.16 9.33 6.89
CA THR A 169 8.15 8.75 6.02
C THR A 169 8.59 7.45 5.41
N LEU A 170 9.86 7.34 5.03
CA LEU A 170 10.34 6.19 4.31
C LEU A 170 11.16 5.22 5.06
N LYS A 171 11.69 5.51 6.26
CA LYS A 171 12.61 4.57 6.94
C LYS A 171 12.08 3.14 7.02
N ASN A 172 10.78 2.95 7.25
CA ASN A 172 10.21 1.61 7.33
C ASN A 172 9.53 1.13 6.04
N LEU A 173 9.59 1.92 4.96
CA LEU A 173 8.98 1.62 3.68
C LEU A 173 9.98 1.19 2.66
N SER A 174 11.05 1.97 2.49
CA SER A 174 11.98 1.79 1.38
C SER A 174 13.44 2.08 1.72
N ASP A 175 14.36 1.77 0.78
CA ASP A 175 15.79 2.09 0.85
C ASP A 175 16.16 3.30 -0.03
N ARG A 176 15.15 4.08 -0.52
CA ARG A 176 15.34 5.21 -1.42
C ARG A 176 14.09 6.12 -1.45
N VAL A 177 14.20 7.26 -2.16
CA VAL A 177 13.07 8.16 -2.42
C VAL A 177 12.88 8.24 -3.94
N VAL A 178 11.62 8.34 -4.40
CA VAL A 178 11.28 8.53 -5.80
C VAL A 178 10.40 9.76 -5.85
N PHE A 179 10.89 10.85 -6.42
CA PHE A 179 10.11 12.07 -6.50
C PHE A 179 9.22 11.95 -7.70
N VAL A 180 7.92 11.84 -7.49
CA VAL A 180 6.96 11.72 -8.57
C VAL A 180 6.55 13.17 -8.94
N LEU A 181 6.88 13.56 -10.18
CA LEU A 181 6.70 14.93 -10.68
C LEU A 181 5.65 15.08 -11.77
N TRP A 182 5.15 16.32 -11.92
CA TRP A 182 4.34 16.80 -13.04
C TRP A 182 5.05 18.12 -13.40
N ALA A 183 6.30 17.97 -13.86
CA ALA A 183 7.31 18.97 -14.11
C ALA A 183 6.91 20.14 -14.92
N HIS A 184 6.89 21.30 -14.28
CA HIS A 184 6.68 22.55 -14.98
C HIS A 184 7.97 23.41 -15.01
N GLY A 185 8.97 23.12 -14.19
CA GLY A 185 10.22 23.85 -14.21
C GLY A 185 10.88 24.07 -12.85
N PHE A 186 10.19 24.75 -11.92
CA PHE A 186 10.74 25.08 -10.60
C PHE A 186 11.11 23.91 -9.67
N GLU A 187 10.51 22.72 -9.85
CA GLU A 187 10.87 21.58 -9.00
C GLU A 187 12.22 21.02 -9.40
N LEU A 188 12.52 20.97 -10.71
CA LEU A 188 13.80 20.49 -11.23
C LEU A 188 14.91 21.51 -10.95
N THR A 189 14.60 22.81 -11.08
CA THR A 189 15.61 23.81 -10.82
C THR A 189 15.91 23.92 -9.32
N SER A 190 14.94 23.65 -8.45
CA SER A 190 15.15 23.76 -7.01
C SER A 190 15.81 22.56 -6.37
N MET A 191 16.00 21.45 -7.09
CA MET A 191 16.62 20.26 -6.52
C MET A 191 18.08 20.43 -6.15
N LYS A 192 18.80 21.35 -6.77
CA LYS A 192 20.20 21.61 -6.40
C LYS A 192 20.36 22.15 -4.97
N TYR A 193 19.27 22.66 -4.37
CA TYR A 193 19.27 23.24 -3.05
C TYR A 193 19.09 22.26 -1.90
N PHE A 194 18.66 21.02 -2.20
CA PHE A 194 18.48 20.01 -1.16
C PHE A 194 18.92 18.60 -1.61
N VAL A 195 19.56 18.47 -2.79
CA VAL A 195 20.05 17.21 -3.35
C VAL A 195 21.54 17.30 -3.73
N LYS A 196 22.32 16.32 -3.27
CA LYS A 196 23.71 16.14 -3.62
C LYS A 196 23.78 14.72 -4.21
N ILE A 197 24.46 14.57 -5.34
CA ILE A 197 24.58 13.28 -6.00
C ILE A 197 26.04 12.84 -6.06
N GLY A 198 26.24 11.54 -6.15
CA GLY A 198 27.54 10.92 -6.24
C GLY A 198 27.44 9.42 -6.43
N PRO A 199 28.55 8.71 -6.22
CA PRO A 199 28.53 7.25 -6.39
C PRO A 199 27.65 6.56 -5.35
N GLU A 200 27.16 5.33 -5.64
CA GLU A 200 26.36 4.59 -4.66
C GLU A 200 27.16 4.37 -3.37
N ARG A 201 26.50 4.45 -2.21
CA ARG A 201 27.19 4.36 -0.93
C ARG A 201 26.45 3.52 0.12
N THR A 202 27.06 3.36 1.31
CA THR A 202 26.47 2.70 2.45
C THR A 202 26.41 3.67 3.65
N CYS A 203 25.56 3.37 4.63
CA CYS A 203 25.36 4.18 5.82
C CYS A 203 26.62 4.18 6.68
N CYS A 204 26.89 5.30 7.37
CA CYS A 204 28.04 5.36 8.28
C CYS A 204 27.78 4.55 9.56
N LEU A 205 26.51 4.45 10.00
CA LEU A 205 26.18 3.70 11.20
C LEU A 205 25.70 2.26 10.95
N CYS A 206 25.42 1.89 9.68
CA CYS A 206 24.96 0.55 9.36
C CYS A 206 25.28 0.13 7.88
N ASP A 207 24.74 -1.01 7.40
CA ASP A 207 25.07 -1.47 6.06
C ASP A 207 24.00 -1.19 4.99
N ARG A 208 22.95 -0.41 5.33
CA ARG A 208 21.93 -0.03 4.35
C ARG A 208 22.49 0.98 3.35
N ARG A 209 21.92 1.09 2.13
CA ARG A 209 22.42 2.07 1.17
C ARG A 209 22.21 3.50 1.68
N ALA A 210 23.05 4.44 1.23
CA ALA A 210 22.97 5.83 1.69
C ALA A 210 21.89 6.61 0.97
N THR A 211 21.06 7.29 1.73
CA THR A 211 19.99 8.12 1.19
C THR A 211 20.07 9.58 1.67
N CYS A 212 21.08 9.93 2.49
CA CYS A 212 21.28 11.27 3.02
C CYS A 212 22.77 11.62 3.10
N PHE A 213 23.07 12.93 3.09
CA PHE A 213 24.44 13.41 3.25
C PHE A 213 24.47 14.56 4.26
N SER A 214 25.53 14.65 5.08
CA SER A 214 25.67 15.76 6.02
C SER A 214 26.95 16.55 5.73
N THR A 215 26.82 17.86 5.45
CA THR A 215 27.99 18.71 5.18
C THR A 215 28.80 18.97 6.45
N ALA A 216 28.11 19.05 7.60
CA ALA A 216 28.69 19.29 8.94
C ALA A 216 29.67 18.21 9.35
N SER A 217 29.39 16.97 8.99
CA SER A 217 30.25 15.86 9.37
C SER A 217 30.86 15.09 8.20
N ASP A 218 30.63 15.52 6.95
CA ASP A 218 31.13 14.87 5.74
C ASP A 218 30.75 13.39 5.62
N THR A 219 29.68 12.97 6.28
CA THR A 219 29.27 11.57 6.31
C THR A 219 27.90 11.31 5.62
N TYR A 220 27.59 10.04 5.36
CA TYR A 220 26.40 9.59 4.67
C TYR A 220 25.56 8.68 5.57
N ALA A 221 24.24 8.61 5.34
CA ALA A 221 23.38 7.77 6.16
C ALA A 221 22.13 7.30 5.49
N CYS A 222 21.59 6.14 5.91
CA CYS A 222 20.31 5.62 5.45
C CYS A 222 19.15 6.47 6.08
N TRP A 223 17.87 6.08 5.88
CA TRP A 223 16.75 6.85 6.45
C TRP A 223 16.64 6.74 8.00
N HIS A 224 17.21 5.68 8.61
CA HIS A 224 17.14 5.50 10.07
C HIS A 224 18.20 6.30 10.81
N HIS A 225 19.35 6.57 10.18
CA HIS A 225 20.46 7.25 10.86
C HIS A 225 20.75 8.63 10.33
N SER A 226 19.75 9.30 9.80
CA SER A 226 19.92 10.60 9.19
C SER A 226 19.45 11.77 10.04
N ILE A 227 19.52 11.63 11.36
CA ILE A 227 19.12 12.71 12.26
C ILE A 227 20.17 13.82 12.21
N GLY A 228 19.73 15.02 11.86
CA GLY A 228 20.63 16.15 11.71
C GLY A 228 21.28 16.26 10.34
N PHE A 229 21.00 15.30 9.42
CA PHE A 229 21.59 15.37 8.07
C PHE A 229 20.86 16.43 7.24
N ASP A 230 21.59 17.14 6.35
CA ASP A 230 21.00 18.26 5.61
C ASP A 230 20.77 18.05 4.11
N TYR A 231 21.27 16.97 3.49
CA TYR A 231 21.09 16.76 2.05
C TYR A 231 20.46 15.43 1.68
N VAL A 232 19.65 15.45 0.61
CA VAL A 232 19.05 14.24 0.11
C VAL A 232 20.10 13.68 -0.82
N TYR A 233 20.67 12.54 -0.47
CA TYR A 233 21.71 11.95 -1.28
C TYR A 233 21.19 10.90 -2.24
N ASN A 234 21.52 11.06 -3.54
CA ASN A 234 21.18 10.17 -4.64
C ASN A 234 19.67 9.81 -4.77
N PRO A 235 18.79 10.84 -4.83
CA PRO A 235 17.37 10.55 -5.00
C PRO A 235 17.05 10.07 -6.40
N PHE A 236 15.88 9.49 -6.59
CA PHE A 236 15.38 9.12 -7.92
C PHE A 236 14.15 9.96 -8.19
N MET A 237 13.77 10.03 -9.45
CA MET A 237 12.64 10.84 -9.87
C MET A 237 12.06 10.33 -11.18
N ILE A 238 10.82 10.74 -11.46
CA ILE A 238 10.09 10.38 -12.67
C ILE A 238 9.08 11.49 -12.92
N ASP A 239 9.00 11.91 -14.16
CA ASP A 239 8.06 12.94 -14.57
C ASP A 239 6.89 12.28 -15.28
N VAL A 240 5.74 12.30 -14.62
CA VAL A 240 4.48 11.73 -15.09
C VAL A 240 4.09 12.35 -16.43
N GLN A 241 4.38 13.64 -16.62
CA GLN A 241 4.09 14.35 -17.84
C GLN A 241 4.78 13.74 -19.09
N GLN A 242 5.80 12.90 -18.90
CA GLN A 242 6.45 12.20 -20.02
C GLN A 242 5.65 10.97 -20.50
N TRP A 243 4.49 10.69 -19.89
CA TRP A 243 3.70 9.51 -20.23
C TRP A 243 2.62 9.76 -21.29
N GLY A 244 2.51 10.99 -21.76
CA GLY A 244 1.60 11.31 -22.86
C GLY A 244 0.22 11.75 -22.47
N PHE A 245 0.10 12.50 -21.39
CA PHE A 245 -1.20 13.01 -20.98
C PHE A 245 -1.57 14.25 -21.82
N THR A 246 -2.86 14.37 -22.15
CA THR A 246 -3.39 15.51 -22.89
C THR A 246 -4.13 16.34 -21.85
N GLY A 247 -3.68 17.57 -21.65
CA GLY A 247 -4.28 18.44 -20.66
C GLY A 247 -3.44 18.62 -19.42
N ASN A 248 -3.96 19.35 -18.43
CA ASN A 248 -3.23 19.60 -17.20
C ASN A 248 -3.43 18.49 -16.14
N LEU A 249 -2.69 18.59 -15.01
CA LEU A 249 -2.74 17.67 -13.90
C LEU A 249 -4.14 17.50 -13.37
N GLN A 250 -4.80 18.60 -12.94
CA GLN A 250 -6.14 18.55 -12.38
C GLN A 250 -7.13 17.80 -13.28
N SER A 251 -7.19 18.11 -14.57
CA SER A 251 -8.14 17.45 -15.48
C SER A 251 -7.93 15.94 -15.58
N ASN A 252 -6.68 15.49 -15.61
CA ASN A 252 -6.35 14.07 -15.70
C ASN A 252 -6.59 13.35 -14.38
N HIS A 253 -6.31 14.04 -13.27
CA HIS A 253 -6.50 13.52 -11.93
C HIS A 253 -8.00 13.35 -11.67
N ASP A 254 -8.78 14.43 -11.86
CA ASP A 254 -10.22 14.46 -11.64
C ASP A 254 -11.03 13.52 -12.53
N LEU A 255 -10.38 12.82 -13.47
CA LEU A 255 -11.06 11.84 -14.30
C LEU A 255 -11.25 10.53 -13.55
N TYR A 256 -10.36 10.21 -12.59
CA TYR A 256 -10.39 8.94 -11.86
C TYR A 256 -10.59 9.10 -10.36
N CYS A 257 -10.23 10.27 -9.80
CA CYS A 257 -10.30 10.47 -8.37
C CYS A 257 -11.07 11.71 -7.97
N GLN A 258 -12.16 11.51 -7.25
CA GLN A 258 -12.97 12.61 -6.73
C GLN A 258 -12.67 12.90 -5.22
N VAL A 259 -11.60 12.27 -4.66
CA VAL A 259 -11.21 12.35 -3.24
C VAL A 259 -10.19 13.48 -2.95
N HIS A 260 -9.33 13.82 -3.92
CA HIS A 260 -8.38 14.91 -3.73
C HIS A 260 -8.84 16.16 -4.46
N GLY A 261 -8.80 17.29 -3.77
CA GLY A 261 -9.15 18.57 -4.35
C GLY A 261 -7.93 19.47 -4.48
N ASN A 262 -8.02 20.54 -5.30
CA ASN A 262 -6.89 21.45 -5.46
C ASN A 262 -7.07 22.75 -4.73
N ALA A 263 -6.42 22.93 -3.58
CA ALA A 263 -6.46 24.20 -2.87
C ALA A 263 -5.47 25.25 -3.49
N HIS A 264 -4.89 24.92 -4.67
CA HIS A 264 -3.86 25.66 -5.41
C HIS A 264 -2.47 25.63 -4.72
N VAL A 265 -2.35 24.88 -3.57
CA VAL A 265 -1.11 24.70 -2.83
C VAL A 265 -0.28 23.56 -3.41
N ALA A 266 1.03 23.68 -3.29
CA ALA A 266 1.96 22.72 -3.85
C ALA A 266 1.73 21.30 -3.38
N SER A 267 1.36 21.10 -2.12
CA SER A 267 1.10 19.75 -1.60
C SER A 267 -0.09 19.10 -2.29
N CYS A 268 -1.15 19.88 -2.55
CA CYS A 268 -2.36 19.38 -3.24
C CYS A 268 -2.00 18.78 -4.60
N ASP A 269 -1.11 19.48 -5.32
CA ASP A 269 -0.62 19.06 -6.62
C ASP A 269 0.26 17.81 -6.49
N ALA A 270 1.14 17.77 -5.49
CA ALA A 270 2.02 16.65 -5.22
C ALA A 270 1.25 15.37 -4.91
N ILE A 271 0.12 15.52 -4.22
CA ILE A 271 -0.79 14.43 -3.84
C ILE A 271 -1.49 13.90 -5.10
N MET A 272 -2.04 14.83 -5.92
CA MET A 272 -2.73 14.55 -7.19
C MET A 272 -1.79 13.89 -8.19
N THR A 273 -0.50 14.30 -8.21
CA THR A 273 0.52 13.75 -9.09
C THR A 273 0.78 12.27 -8.74
N ARG A 274 1.12 11.97 -7.45
CA ARG A 274 1.37 10.60 -7.01
C ARG A 274 0.12 9.72 -7.13
N CYS A 275 -1.07 10.33 -6.91
CA CYS A 275 -2.35 9.65 -7.03
C CYS A 275 -2.57 9.21 -8.49
N LEU A 276 -2.38 10.13 -9.45
CA LEU A 276 -2.54 9.85 -10.86
C LEU A 276 -1.48 8.84 -11.35
N ALA A 277 -0.27 8.90 -10.78
CA ALA A 277 0.79 7.96 -11.08
C ALA A 277 0.37 6.57 -10.59
N VAL A 278 -0.22 6.49 -9.36
CA VAL A 278 -0.70 5.25 -8.74
C VAL A 278 -1.83 4.66 -9.60
N HIS A 279 -2.77 5.49 -10.06
CA HIS A 279 -3.87 5.03 -10.92
C HIS A 279 -3.39 4.40 -12.22
N GLU A 280 -2.46 5.09 -12.91
CA GLU A 280 -1.92 4.64 -14.17
C GLU A 280 -1.16 3.33 -14.07
N CYS A 281 -0.40 3.18 -13.01
CA CYS A 281 0.46 2.04 -12.81
C CYS A 281 -0.18 0.87 -12.08
N PHE A 282 -1.25 1.10 -11.30
CA PHE A 282 -1.81 0.06 -10.48
C PHE A 282 -3.30 -0.15 -10.59
N VAL A 283 -4.03 0.87 -11.02
CA VAL A 283 -5.49 0.74 -11.12
C VAL A 283 -5.85 0.15 -12.48
N LYS A 284 -5.40 0.81 -13.56
CA LYS A 284 -5.69 0.43 -14.94
C LYS A 284 -4.62 -0.47 -15.60
N ARG A 285 -3.45 -0.60 -14.96
CA ARG A 285 -2.38 -1.47 -15.38
C ARG A 285 -2.11 -2.34 -14.16
N VAL A 286 -2.29 -3.66 -14.26
CA VAL A 286 -2.03 -4.53 -13.12
C VAL A 286 -0.95 -5.53 -13.46
N ASP A 287 0.20 -5.44 -12.81
CA ASP A 287 1.28 -6.36 -13.07
C ASP A 287 1.55 -7.22 -11.85
N TRP A 288 0.69 -8.23 -11.61
CA TRP A 288 0.82 -9.15 -10.47
C TRP A 288 2.09 -10.04 -10.55
N THR A 289 2.95 -9.85 -11.54
CA THR A 289 4.19 -10.62 -11.65
C THR A 289 5.32 -10.03 -10.77
N ILE A 290 5.22 -8.73 -10.42
CA ILE A 290 6.22 -8.04 -9.62
C ILE A 290 6.16 -8.41 -8.14
N GLU A 291 7.26 -8.95 -7.64
CA GLU A 291 7.48 -9.28 -6.26
C GLU A 291 8.00 -8.03 -5.52
N TYR A 292 7.72 -7.92 -4.23
CA TYR A 292 8.18 -6.79 -3.45
C TYR A 292 8.93 -7.27 -2.20
N PRO A 293 9.99 -6.54 -1.79
CA PRO A 293 10.72 -6.97 -0.59
C PRO A 293 9.86 -7.09 0.66
N ILE A 294 10.26 -7.96 1.61
CA ILE A 294 9.56 -8.14 2.89
C ILE A 294 10.04 -7.07 3.88
N ILE A 295 9.19 -6.10 4.19
CA ILE A 295 9.56 -4.97 5.04
C ILE A 295 8.84 -4.94 6.41
N GLY A 296 8.26 -6.07 6.82
CA GLY A 296 7.52 -6.12 8.06
C GLY A 296 6.90 -7.44 8.43
N ASP A 297 5.61 -7.42 8.80
CA ASP A 297 4.94 -8.64 9.25
C ASP A 297 4.21 -9.41 8.18
N GLU A 298 4.61 -9.24 6.92
CA GLU A 298 4.03 -9.91 5.77
C GLU A 298 3.80 -11.40 5.97
N LEU A 299 4.78 -12.11 6.50
CA LEU A 299 4.68 -13.56 6.71
C LEU A 299 3.71 -13.97 7.82
N LYS A 300 3.77 -13.28 8.97
CA LYS A 300 2.85 -13.57 10.07
C LYS A 300 1.42 -13.16 9.72
N ILE A 301 1.23 -12.15 8.88
CA ILE A 301 -0.09 -11.65 8.50
C ILE A 301 -0.77 -12.63 7.57
N ASN A 302 -0.02 -13.15 6.60
CA ASN A 302 -0.55 -14.11 5.64
C ASN A 302 -0.77 -15.48 6.28
N ALA A 303 0.09 -15.85 7.24
CA ALA A 303 -0.09 -17.10 7.96
C ALA A 303 -1.33 -16.97 8.84
N ALA A 304 -1.52 -15.82 9.50
CA ALA A 304 -2.68 -15.56 10.33
C ALA A 304 -3.96 -15.64 9.51
N CYS A 305 -4.00 -15.02 8.34
CA CYS A 305 -5.15 -14.97 7.45
C CYS A 305 -5.59 -16.36 7.02
N ARG A 306 -4.64 -17.22 6.69
CA ARG A 306 -4.93 -18.59 6.26
C ARG A 306 -5.51 -19.40 7.42
N LYS A 307 -4.98 -19.20 8.64
CA LYS A 307 -5.44 -19.87 9.84
C LYS A 307 -6.87 -19.42 10.15
N VAL A 308 -7.14 -18.09 10.12
CA VAL A 308 -8.47 -17.53 10.38
C VAL A 308 -9.45 -18.05 9.35
N GLN A 309 -9.06 -18.05 8.09
CA GLN A 309 -9.88 -18.56 7.00
C GLN A 309 -10.31 -20.01 7.18
N HIS A 310 -9.40 -20.92 7.58
CA HIS A 310 -9.75 -22.33 7.78
C HIS A 310 -10.73 -22.44 8.94
N MET A 311 -10.47 -21.71 10.03
CA MET A 311 -11.27 -21.66 11.23
C MET A 311 -12.71 -21.19 10.99
N VAL A 312 -12.89 -20.01 10.38
CA VAL A 312 -14.21 -19.44 10.19
C VAL A 312 -15.09 -20.27 9.27
N VAL A 313 -14.52 -20.73 8.16
CA VAL A 313 -15.21 -21.55 7.16
C VAL A 313 -15.52 -22.94 7.70
N LYS A 314 -14.56 -23.57 8.40
CA LYS A 314 -14.77 -24.90 8.99
C LYS A 314 -15.90 -24.86 10.01
N ALA A 315 -15.94 -23.80 10.83
CA ALA A 315 -17.00 -23.68 11.83
C ALA A 315 -18.35 -23.38 11.23
N ALA A 316 -18.42 -22.49 10.24
CA ALA A 316 -19.72 -22.17 9.61
C ALA A 316 -20.39 -23.43 8.97
N LEU A 317 -19.56 -24.30 8.44
CA LEU A 317 -20.00 -25.51 7.79
C LEU A 317 -20.53 -26.50 8.77
N LEU A 318 -20.02 -26.52 10.02
CA LEU A 318 -20.47 -27.40 11.09
C LEU A 318 -21.70 -26.83 11.74
N ALA A 319 -21.80 -25.49 11.89
CA ALA A 319 -22.93 -24.86 12.59
C ALA A 319 -24.21 -24.85 11.77
N ASP A 320 -24.10 -24.56 10.47
CA ASP A 320 -25.28 -24.49 9.62
C ASP A 320 -25.39 -25.55 8.56
N LYS A 321 -24.44 -26.49 8.52
CA LYS A 321 -24.40 -27.67 7.65
C LYS A 321 -24.89 -27.41 6.24
N PHE A 322 -24.29 -26.41 5.57
CA PHE A 322 -24.63 -26.01 4.21
C PHE A 322 -24.26 -27.14 3.26
N PRO A 323 -25.09 -27.38 2.23
CA PRO A 323 -24.77 -28.45 1.26
C PRO A 323 -23.70 -28.05 0.24
N VAL A 324 -23.73 -26.76 -0.16
CA VAL A 324 -22.84 -26.21 -1.16
C VAL A 324 -22.23 -24.87 -0.68
N LEU A 325 -20.96 -24.64 -1.06
CA LEU A 325 -20.21 -23.43 -0.79
C LEU A 325 -19.73 -22.88 -2.15
N HIS A 326 -20.14 -21.64 -2.47
CA HIS A 326 -19.74 -20.94 -3.68
C HIS A 326 -18.55 -20.09 -3.29
N ASP A 327 -17.37 -20.40 -3.81
CA ASP A 327 -16.15 -19.68 -3.50
C ASP A 327 -15.88 -18.66 -4.59
N ILE A 328 -16.12 -17.39 -4.31
CA ILE A 328 -15.98 -16.34 -5.31
C ILE A 328 -14.76 -15.46 -5.07
N GLY A 329 -13.81 -15.50 -5.97
CA GLY A 329 -12.59 -14.72 -5.85
C GLY A 329 -11.43 -15.29 -6.64
N ASN A 330 -10.21 -15.13 -6.11
CA ASN A 330 -8.94 -15.57 -6.71
C ASN A 330 -9.04 -16.82 -7.56
N PRO A 331 -8.70 -16.72 -8.86
CA PRO A 331 -8.75 -17.91 -9.70
C PRO A 331 -7.73 -18.99 -9.32
N LYS A 332 -6.71 -18.63 -8.51
CA LYS A 332 -5.71 -19.59 -8.05
C LYS A 332 -5.95 -20.14 -6.62
N ALA A 333 -7.11 -19.82 -6.00
CA ALA A 333 -7.44 -20.27 -4.66
C ALA A 333 -7.75 -21.75 -4.52
N ILE A 334 -7.46 -22.31 -3.33
CA ILE A 334 -7.71 -23.72 -2.98
C ILE A 334 -8.80 -23.80 -1.88
N LYS A 335 -9.34 -25.01 -1.63
CA LYS A 335 -10.31 -25.28 -0.56
C LYS A 335 -9.59 -25.04 0.77
N CYS A 336 -10.02 -24.04 1.52
CA CYS A 336 -9.42 -23.73 2.82
C CYS A 336 -9.72 -24.82 3.87
N VAL A 337 -10.80 -25.60 3.68
CA VAL A 337 -11.23 -26.69 4.54
C VAL A 337 -11.33 -27.94 3.65
N PRO A 338 -10.20 -28.59 3.34
CA PRO A 338 -10.23 -29.75 2.43
C PRO A 338 -11.00 -30.97 2.93
N GLN A 339 -11.16 -31.11 4.24
CA GLN A 339 -11.87 -32.26 4.79
C GLN A 339 -13.37 -32.01 5.00
N ALA A 340 -13.90 -30.82 4.62
CA ALA A 340 -15.31 -30.49 4.79
C ALA A 340 -16.22 -31.37 3.91
N ASP A 341 -17.43 -31.65 4.40
CA ASP A 341 -18.36 -32.53 3.68
C ASP A 341 -18.97 -31.89 2.40
N VAL A 342 -19.11 -30.55 2.44
CA VAL A 342 -19.70 -29.64 1.47
C VAL A 342 -19.25 -29.82 0.02
N GLU A 343 -20.11 -29.37 -0.90
CA GLU A 343 -19.86 -29.33 -2.33
C GLU A 343 -19.19 -27.99 -2.54
N TRP A 344 -17.94 -28.00 -2.97
CA TRP A 344 -17.17 -26.78 -3.16
C TRP A 344 -17.16 -26.36 -4.65
N LYS A 345 -17.66 -25.16 -4.97
CA LYS A 345 -17.71 -24.64 -6.35
C LYS A 345 -16.96 -23.34 -6.43
N PHE A 346 -16.02 -23.22 -7.38
CA PHE A 346 -15.19 -22.04 -7.56
C PHE A 346 -15.67 -21.13 -8.68
N TYR A 347 -15.47 -19.82 -8.50
CA TYR A 347 -15.81 -18.76 -9.43
C TYR A 347 -14.61 -17.84 -9.42
N ASP A 348 -14.07 -17.56 -10.62
CA ASP A 348 -12.86 -16.80 -10.82
C ASP A 348 -13.19 -15.33 -10.93
N ALA A 349 -12.49 -14.51 -10.16
CA ALA A 349 -12.66 -13.07 -10.20
C ALA A 349 -11.40 -12.48 -9.64
N GLN A 350 -10.61 -11.85 -10.47
CA GLN A 350 -9.35 -11.21 -10.09
C GLN A 350 -9.55 -10.01 -9.17
N PRO A 351 -8.54 -9.62 -8.36
CA PRO A 351 -8.68 -8.43 -7.53
C PRO A 351 -9.04 -7.18 -8.32
N CYS A 352 -10.28 -6.67 -8.14
CA CYS A 352 -10.75 -5.45 -8.80
C CYS A 352 -9.97 -4.29 -8.22
N SER A 353 -9.18 -3.65 -9.04
CA SER A 353 -8.35 -2.56 -8.59
C SER A 353 -9.09 -1.24 -8.61
N ASP A 354 -9.94 -1.05 -9.63
CA ASP A 354 -10.69 0.18 -9.85
C ASP A 354 -11.87 0.31 -8.88
N LYS A 355 -13.02 -0.28 -9.20
CA LYS A 355 -14.21 -0.24 -8.34
C LYS A 355 -14.60 -1.64 -7.87
N ALA A 356 -15.43 -1.72 -6.83
CA ALA A 356 -15.90 -3.00 -6.31
C ALA A 356 -16.88 -3.64 -7.31
N TYR A 357 -16.83 -4.96 -7.43
CA TYR A 357 -17.67 -5.68 -8.36
C TYR A 357 -19.13 -5.52 -8.07
N LYS A 358 -19.96 -5.35 -9.09
CA LYS A 358 -21.40 -5.28 -8.89
C LYS A 358 -21.87 -6.73 -8.73
N ILE A 359 -22.51 -7.07 -7.61
CA ILE A 359 -22.99 -8.44 -7.37
C ILE A 359 -23.92 -8.93 -8.50
N GLU A 360 -24.63 -7.99 -9.16
CA GLU A 360 -25.52 -8.25 -10.29
C GLU A 360 -24.76 -8.75 -11.51
N GLU A 361 -23.50 -8.33 -11.69
CA GLU A 361 -22.68 -8.78 -12.80
C GLU A 361 -21.92 -10.07 -12.45
N LEU A 362 -21.60 -10.28 -11.16
CA LEU A 362 -20.91 -11.49 -10.73
C LEU A 362 -21.84 -12.72 -10.76
N PHE A 363 -23.08 -12.59 -10.24
CA PHE A 363 -24.00 -13.71 -10.16
C PHE A 363 -24.95 -13.83 -11.33
N TYR A 364 -25.79 -12.80 -11.57
CA TYR A 364 -26.80 -12.81 -12.64
C TYR A 364 -26.18 -12.81 -14.08
N SER A 365 -27.03 -12.73 -15.13
CA SER A 365 -26.70 -12.74 -16.56
C SER A 365 -26.65 -14.16 -17.18
N TYR A 366 -26.94 -15.23 -16.36
CA TYR A 366 -27.00 -16.64 -16.75
C TYR A 366 -25.75 -17.14 -17.48
N HIS A 369 -21.43 -24.15 -12.41
CA HIS A 369 -22.05 -23.30 -11.41
C HIS A 369 -23.41 -23.82 -11.07
N SER A 370 -23.75 -23.78 -9.77
CA SER A 370 -25.08 -24.19 -9.34
C SER A 370 -26.13 -23.18 -9.86
N ASP A 371 -25.71 -21.91 -10.19
CA ASP A 371 -26.52 -20.76 -10.63
C ASP A 371 -27.45 -20.25 -9.51
N LYS A 372 -27.79 -21.14 -8.55
CA LYS A 372 -28.58 -20.88 -7.36
C LYS A 372 -27.56 -20.50 -6.29
N PHE A 373 -27.07 -19.25 -6.35
CA PHE A 373 -26.11 -18.72 -5.40
C PHE A 373 -26.69 -18.57 -3.99
N THR A 374 -28.03 -18.45 -3.90
CA THR A 374 -28.79 -18.36 -2.65
C THR A 374 -28.89 -19.72 -1.90
N ASP A 375 -28.50 -20.83 -2.55
CA ASP A 375 -28.45 -22.16 -1.96
C ASP A 375 -27.06 -22.32 -1.34
N GLY A 376 -27.00 -22.69 -0.07
CA GLY A 376 -25.71 -22.85 0.60
C GLY A 376 -25.09 -21.53 1.02
N VAL A 377 -23.76 -21.46 1.11
CA VAL A 377 -23.08 -20.24 1.53
C VAL A 377 -22.07 -19.72 0.49
N CYS A 378 -21.96 -18.40 0.35
CA CYS A 378 -20.98 -17.78 -0.54
C CYS A 378 -19.77 -17.41 0.32
N LEU A 379 -18.55 -17.63 -0.18
CA LEU A 379 -17.36 -17.22 0.52
C LEU A 379 -16.68 -16.17 -0.33
N PHE A 380 -16.59 -14.94 0.17
CA PHE A 380 -15.89 -13.87 -0.54
C PHE A 380 -14.66 -13.57 0.25
N TRP A 381 -13.60 -14.35 0.02
CA TRP A 381 -12.35 -14.12 0.75
C TRP A 381 -11.51 -13.13 0.01
N ASN A 382 -11.57 -11.87 0.46
CA ASN A 382 -10.90 -10.72 -0.10
C ASN A 382 -11.42 -10.34 -1.48
N CYS A 383 -12.60 -10.86 -1.88
CA CYS A 383 -13.23 -10.50 -3.13
C CYS A 383 -14.16 -9.33 -2.82
N ASN A 384 -13.82 -8.13 -3.31
CA ASN A 384 -14.49 -6.86 -2.97
C ASN A 384 -15.72 -6.55 -3.82
N VAL A 385 -16.94 -6.78 -3.28
CA VAL A 385 -18.16 -6.53 -4.05
C VAL A 385 -18.98 -5.34 -3.44
N ASP A 386 -19.86 -4.72 -4.23
CA ASP A 386 -20.67 -3.56 -3.81
C ASP A 386 -21.66 -3.86 -2.65
N ARG A 387 -22.28 -5.03 -2.66
CA ARG A 387 -23.23 -5.42 -1.62
C ARG A 387 -23.23 -6.92 -1.58
N TYR A 388 -22.86 -7.48 -0.43
CA TYR A 388 -22.77 -8.92 -0.30
C TYR A 388 -24.11 -9.54 -0.01
N PRO A 389 -24.41 -10.70 -0.63
CA PRO A 389 -25.67 -11.39 -0.31
C PRO A 389 -25.70 -11.84 1.16
N ALA A 390 -26.89 -11.94 1.73
CA ALA A 390 -27.09 -12.31 3.13
C ALA A 390 -26.52 -13.69 3.53
N ASN A 391 -26.27 -14.60 2.57
CA ASN A 391 -25.75 -15.94 2.93
C ASN A 391 -24.23 -16.00 2.69
N SER A 392 -23.46 -15.09 3.31
CA SER A 392 -22.03 -15.01 3.02
C SER A 392 -21.08 -14.98 4.17
N ILE A 393 -19.87 -15.46 3.95
CA ILE A 393 -18.72 -15.33 4.84
C ILE A 393 -17.78 -14.39 4.07
N VAL A 394 -17.35 -13.29 4.71
CA VAL A 394 -16.59 -12.25 4.01
C VAL A 394 -15.37 -11.73 4.74
N CYS A 395 -14.23 -11.69 4.06
CA CYS A 395 -13.03 -11.04 4.56
C CYS A 395 -12.84 -9.83 3.65
N ARG A 396 -12.90 -8.62 4.20
CA ARG A 396 -12.80 -7.40 3.41
C ARG A 396 -11.75 -6.49 4.01
N PHE A 397 -10.71 -6.18 3.26
CA PHE A 397 -9.64 -5.30 3.70
C PHE A 397 -10.12 -3.85 3.81
N ASP A 398 -9.91 -3.27 4.99
CA ASP A 398 -10.25 -1.89 5.29
C ASP A 398 -9.11 -1.03 4.80
N THR A 399 -9.34 -0.28 3.73
CA THR A 399 -8.34 0.59 3.14
C THR A 399 -7.92 1.74 4.05
N ARG A 400 -8.69 2.06 5.09
CA ARG A 400 -8.36 3.18 5.98
C ARG A 400 -7.24 2.88 6.97
N VAL A 401 -6.91 1.61 7.19
CA VAL A 401 -5.88 1.17 8.14
C VAL A 401 -4.50 1.84 7.94
N LEU A 402 -3.94 2.33 9.05
CA LEU A 402 -2.62 2.91 9.04
C LEU A 402 -1.55 1.82 9.25
N SER A 403 -0.72 1.57 8.22
CA SER A 403 0.35 0.58 8.26
C SER A 403 1.38 0.80 7.17
N ASN A 404 2.56 0.19 7.33
CA ASN A 404 3.65 0.21 6.35
C ASN A 404 3.31 -0.60 5.11
N LEU A 405 2.38 -1.56 5.18
CA LEU A 405 1.97 -2.32 4.01
C LEU A 405 0.93 -1.60 3.16
N ASN A 406 0.16 -0.71 3.78
CA ASN A 406 -0.87 0.05 3.11
C ASN A 406 -0.36 1.45 2.75
N LEU A 407 -0.30 1.73 1.45
CA LEU A 407 0.10 3.01 0.93
C LEU A 407 -1.19 3.68 0.42
N PRO A 408 -1.30 5.02 0.48
CA PRO A 408 -2.52 5.67 0.00
C PRO A 408 -2.74 5.54 -1.50
N GLY A 409 -3.97 5.21 -1.87
CA GLY A 409 -4.31 5.03 -3.27
C GLY A 409 -5.09 6.14 -3.94
N CYS A 410 -5.89 5.73 -4.93
N CYS A 410 -5.91 5.73 -4.90
CA CYS A 410 -6.67 6.59 -5.80
CA CYS A 410 -6.73 6.61 -5.71
C CYS A 410 -8.16 6.45 -5.52
C CYS A 410 -8.19 6.47 -5.40
N ASP A 411 -8.91 7.59 -5.48
CA ASP A 411 -10.35 7.64 -5.25
C ASP A 411 -10.80 7.02 -3.89
N GLY A 412 -10.02 7.25 -2.84
CA GLY A 412 -10.34 6.70 -1.52
C GLY A 412 -9.86 5.29 -1.30
N GLY A 413 -9.33 4.65 -2.35
CA GLY A 413 -8.78 3.32 -2.26
C GLY A 413 -7.37 3.35 -1.71
N SER A 414 -6.70 2.20 -1.71
CA SER A 414 -5.36 2.11 -1.19
C SER A 414 -4.56 1.04 -1.87
N LEU A 415 -3.25 1.25 -1.95
CA LEU A 415 -2.38 0.26 -2.57
C LEU A 415 -1.83 -0.60 -1.46
N TYR A 416 -2.24 -1.87 -1.41
CA TYR A 416 -1.75 -2.78 -0.38
C TYR A 416 -0.60 -3.59 -0.95
N VAL A 417 0.61 -3.38 -0.42
CA VAL A 417 1.78 -4.08 -0.94
C VAL A 417 2.26 -5.18 0.04
N ASN A 418 1.89 -6.41 -0.26
CA ASN A 418 2.26 -7.55 0.56
C ASN A 418 2.64 -8.63 -0.46
N LYS A 419 3.93 -8.67 -0.84
CA LYS A 419 4.49 -9.57 -1.84
C LYS A 419 4.10 -9.10 -3.26
N HIS A 420 2.88 -8.59 -3.40
CA HIS A 420 2.35 -8.04 -4.64
C HIS A 420 1.58 -6.75 -4.32
N ALA A 421 1.40 -5.90 -5.33
CA ALA A 421 0.67 -4.65 -5.13
C ALA A 421 -0.79 -4.84 -5.52
N PHE A 422 -1.72 -4.49 -4.61
CA PHE A 422 -3.14 -4.65 -4.89
C PHE A 422 -3.82 -3.35 -4.60
N HIS A 423 -4.20 -2.59 -5.64
CA HIS A 423 -4.92 -1.35 -5.38
C HIS A 423 -6.34 -1.76 -5.02
N THR A 424 -6.74 -1.51 -3.79
CA THR A 424 -8.05 -1.92 -3.29
C THR A 424 -8.98 -0.72 -3.29
N PRO A 425 -10.24 -0.90 -3.74
CA PRO A 425 -11.20 0.21 -3.69
C PRO A 425 -11.56 0.62 -2.26
N ALA A 426 -12.10 1.83 -2.10
CA ALA A 426 -12.50 2.37 -0.81
C ALA A 426 -13.39 1.42 -0.03
N PHE A 427 -13.18 1.35 1.30
CA PHE A 427 -13.99 0.57 2.19
C PHE A 427 -15.33 1.28 2.27
N ASP A 428 -16.41 0.51 2.12
CA ASP A 428 -17.76 1.03 2.15
C ASP A 428 -18.54 0.13 3.07
N LYS A 429 -18.94 0.65 4.26
CA LYS A 429 -19.66 -0.11 5.28
C LYS A 429 -21.02 -0.61 4.83
N SER A 430 -21.63 0.05 3.82
CA SER A 430 -22.93 -0.35 3.29
C SER A 430 -22.89 -1.65 2.46
N ALA A 431 -21.69 -2.14 2.12
CA ALA A 431 -21.58 -3.43 1.41
C ALA A 431 -22.10 -4.56 2.30
N PHE A 432 -22.04 -4.37 3.62
CA PHE A 432 -22.32 -5.31 4.68
C PHE A 432 -23.70 -5.20 5.35
N VAL A 433 -24.71 -4.58 4.72
CA VAL A 433 -26.03 -4.44 5.34
C VAL A 433 -26.73 -5.77 5.60
N ASN A 434 -26.61 -6.73 4.69
CA ASN A 434 -27.23 -8.05 4.90
C ASN A 434 -26.43 -8.96 5.83
N LEU A 435 -25.25 -8.51 6.30
CA LEU A 435 -24.39 -9.30 7.17
C LEU A 435 -24.17 -8.60 8.56
N LYS A 436 -23.46 -9.28 9.47
CA LYS A 436 -23.06 -8.77 10.78
C LYS A 436 -21.55 -9.03 10.97
N GLN A 437 -20.86 -8.27 11.86
CA GLN A 437 -19.43 -8.52 12.08
C GLN A 437 -19.25 -9.87 12.73
N LEU A 438 -18.31 -10.67 12.24
CA LEU A 438 -18.07 -12.00 12.77
C LEU A 438 -17.43 -11.86 14.15
N PRO A 439 -18.05 -12.45 15.17
CA PRO A 439 -17.47 -12.37 16.52
C PRO A 439 -16.33 -13.38 16.72
N PHE A 440 -15.31 -13.02 17.51
CA PHE A 440 -14.20 -13.93 17.77
C PHE A 440 -14.65 -15.19 18.50
N PHE A 441 -14.03 -16.30 18.13
CA PHE A 441 -14.19 -17.60 18.71
C PHE A 441 -13.03 -18.46 18.25
N TYR A 442 -12.75 -19.51 19.01
CA TYR A 442 -11.75 -20.49 18.63
C TYR A 442 -12.47 -21.81 18.76
N TYR A 443 -12.59 -22.61 17.70
CA TYR A 443 -13.22 -23.91 17.75
C TYR A 443 -12.17 -24.99 17.51
N SER A 444 -12.29 -26.13 18.20
CA SER A 444 -11.43 -27.29 17.95
C SER A 444 -12.12 -28.59 18.31
N ASP A 445 -12.10 -29.51 17.36
CA ASP A 445 -12.64 -30.85 17.56
C ASP A 445 -11.52 -31.90 17.82
N SER A 446 -10.23 -31.47 17.82
CA SER A 446 -9.05 -32.30 18.01
C SER A 446 -8.97 -32.86 19.42
N PRO A 447 -8.25 -33.98 19.62
CA PRO A 447 -8.14 -34.54 20.97
C PRO A 447 -7.32 -33.66 21.90
N CYS A 448 -7.65 -33.72 23.19
CA CYS A 448 -6.98 -32.98 24.25
C CYS A 448 -5.75 -33.80 24.59
N GLU A 449 -4.58 -33.39 24.13
CA GLU A 449 -3.34 -34.12 24.39
C GLU A 449 -2.21 -33.13 24.23
N SER A 450 -1.55 -32.77 25.35
CA SER A 450 -0.47 -31.78 25.43
C SER A 450 0.64 -31.94 24.35
N HIS A 451 1.39 -33.07 24.36
CA HIS A 451 2.45 -33.34 23.38
C HIS A 451 3.49 -32.19 23.28
N GLY A 452 4.51 -32.24 24.14
CA GLY A 452 5.55 -31.23 24.16
C GLY A 452 6.53 -31.35 25.31
N ILE A 459 6.64 -23.38 26.43
CA ILE A 459 5.20 -23.13 26.51
C ILE A 459 4.67 -23.42 27.91
N ASP A 460 4.78 -22.44 28.83
CA ASP A 460 4.31 -22.60 30.21
C ASP A 460 2.76 -22.39 30.34
N TYR A 461 2.18 -22.61 31.54
CA TYR A 461 0.73 -22.53 31.70
C TYR A 461 0.19 -21.76 32.94
N VAL A 462 -0.84 -20.92 32.69
CA VAL A 462 -1.65 -20.17 33.66
C VAL A 462 -3.09 -20.46 33.24
N PRO A 463 -3.82 -21.30 34.00
CA PRO A 463 -5.18 -21.71 33.60
C PRO A 463 -6.01 -20.74 32.75
N LEU A 464 -6.44 -21.22 31.55
CA LEU A 464 -7.25 -20.44 30.62
C LEU A 464 -8.74 -20.66 30.88
N LYS A 465 -9.45 -19.57 31.11
CA LYS A 465 -10.90 -19.58 31.31
C LYS A 465 -11.50 -18.61 30.29
N SER A 466 -12.27 -19.14 29.32
CA SER A 466 -12.88 -18.32 28.28
C SER A 466 -14.17 -18.91 27.76
N ALA A 467 -15.09 -18.04 27.35
CA ALA A 467 -16.37 -18.46 26.76
C ALA A 467 -16.25 -18.75 25.26
N THR A 468 -15.25 -18.15 24.61
CA THR A 468 -15.01 -18.25 23.20
C THR A 468 -14.05 -19.41 22.80
N CYS A 469 -13.60 -20.24 23.76
CA CYS A 469 -12.78 -21.41 23.46
C CYS A 469 -13.74 -22.58 23.32
N ILE A 470 -14.19 -22.87 22.10
CA ILE A 470 -15.13 -23.95 21.84
C ILE A 470 -14.41 -25.30 21.61
N THR A 471 -14.14 -26.00 22.72
CA THR A 471 -13.50 -27.33 22.75
C THR A 471 -14.29 -28.28 23.71
N ARG A 472 -14.01 -29.61 23.64
CA ARG A 472 -14.65 -30.61 24.50
C ARG A 472 -14.28 -30.43 25.96
N CYS A 473 -13.02 -30.07 26.22
CA CYS A 473 -12.48 -29.82 27.55
C CYS A 473 -13.23 -28.68 28.20
N ASN A 474 -13.45 -27.60 27.47
CA ASN A 474 -14.19 -26.46 28.00
C ASN A 474 -15.68 -26.75 28.18
N LEU A 475 -16.22 -27.68 27.38
CA LEU A 475 -17.60 -28.13 27.49
C LEU A 475 -17.71 -28.89 28.83
N GLY A 476 -16.78 -29.81 29.08
CA GLY A 476 -16.75 -30.60 30.30
C GLY A 476 -16.17 -29.94 31.53
N GLY A 477 -15.89 -28.64 31.45
CA GLY A 477 -15.39 -27.89 32.60
C GLY A 477 -14.12 -27.11 32.41
N ALA A 478 -12.97 -27.76 32.66
CA ALA A 478 -11.67 -27.08 32.52
C ALA A 478 -10.98 -27.27 31.17
N VAL A 479 -10.43 -26.18 30.59
CA VAL A 479 -9.68 -26.23 29.33
C VAL A 479 -8.32 -26.93 29.53
N CYS A 480 -7.94 -27.86 28.61
CA CYS A 480 -6.67 -28.57 28.70
C CYS A 480 -5.50 -27.71 28.20
N ARG A 481 -4.25 -28.10 28.49
CA ARG A 481 -3.07 -27.33 28.09
C ARG A 481 -2.87 -27.21 26.58
N HIS A 482 -3.10 -28.30 25.81
CA HIS A 482 -2.94 -28.24 24.35
C HIS A 482 -3.89 -27.22 23.71
N HIS A 483 -5.22 -27.36 23.89
CA HIS A 483 -6.16 -26.38 23.35
C HIS A 483 -5.98 -24.99 23.92
N ALA A 484 -5.35 -24.85 25.07
CA ALA A 484 -5.08 -23.55 25.66
C ALA A 484 -3.92 -22.85 24.97
N ASN A 485 -2.95 -23.61 24.41
CA ASN A 485 -1.82 -23.03 23.67
C ASN A 485 -2.37 -22.59 22.32
N GLU A 486 -3.11 -23.50 21.65
CA GLU A 486 -3.79 -23.31 20.38
C GLU A 486 -4.80 -22.19 20.43
N TYR A 487 -5.40 -21.92 21.60
CA TYR A 487 -6.35 -20.84 21.72
C TYR A 487 -5.58 -19.55 21.69
N ARG A 488 -4.49 -19.43 22.46
CA ARG A 488 -3.70 -18.20 22.53
C ARG A 488 -2.95 -17.92 21.25
N LEU A 489 -2.51 -18.98 20.54
CA LEU A 489 -1.82 -18.81 19.26
C LEU A 489 -2.83 -18.28 18.24
N TYR A 490 -4.03 -18.90 18.18
CA TYR A 490 -5.09 -18.48 17.27
C TYR A 490 -5.61 -17.08 17.61
N LEU A 491 -5.64 -16.72 18.88
CA LEU A 491 -6.06 -15.39 19.30
C LEU A 491 -5.05 -14.35 18.78
N ASP A 492 -3.75 -14.66 18.83
CA ASP A 492 -2.69 -13.80 18.34
C ASP A 492 -2.73 -13.66 16.84
N ALA A 493 -3.06 -14.75 16.13
CA ALA A 493 -3.18 -14.71 14.67
C ALA A 493 -4.40 -13.85 14.31
N TYR A 494 -5.52 -14.03 14.99
CA TYR A 494 -6.72 -13.24 14.75
C TYR A 494 -6.46 -11.76 15.00
N ASN A 495 -5.70 -11.44 16.06
CA ASN A 495 -5.36 -10.06 16.42
C ASN A 495 -4.44 -9.43 15.37
N MET A 496 -3.51 -10.23 14.86
CA MET A 496 -2.55 -9.88 13.82
C MET A 496 -3.33 -9.45 12.57
N MET A 497 -4.30 -10.27 12.18
CA MET A 497 -5.16 -10.13 11.03
C MET A 497 -6.07 -8.89 11.10
N ILE A 498 -6.62 -8.61 12.27
CA ILE A 498 -7.52 -7.47 12.45
C ILE A 498 -6.73 -6.19 12.32
N SER A 499 -5.61 -6.11 13.05
CA SER A 499 -4.72 -4.96 13.08
C SER A 499 -4.11 -4.71 11.71
N ALA A 500 -3.81 -5.78 10.94
CA ALA A 500 -3.33 -5.61 9.55
C ALA A 500 -4.39 -5.03 8.59
N GLY A 501 -5.53 -4.58 9.14
CA GLY A 501 -6.63 -3.94 8.42
C GLY A 501 -7.71 -4.81 7.81
N PHE A 502 -7.72 -6.14 8.02
CA PHE A 502 -8.75 -7.00 7.44
C PHE A 502 -9.97 -7.12 8.33
N SER A 503 -11.18 -7.09 7.75
CA SER A 503 -12.39 -7.22 8.54
C SER A 503 -13.23 -8.42 8.13
N LEU A 504 -13.80 -9.10 9.12
CA LEU A 504 -14.59 -10.30 8.90
C LEU A 504 -16.04 -10.07 9.18
N TRP A 505 -16.89 -10.61 8.32
CA TRP A 505 -18.34 -10.49 8.36
C TRP A 505 -18.96 -11.87 8.05
N VAL A 506 -20.18 -12.09 8.51
CA VAL A 506 -20.85 -13.37 8.32
C VAL A 506 -22.35 -13.17 8.29
N TYR A 507 -23.10 -14.13 7.70
CA TYR A 507 -24.57 -14.12 7.70
C TYR A 507 -25.12 -13.98 9.15
N LYS A 508 -26.22 -13.25 9.30
CA LYS A 508 -26.87 -12.91 10.57
C LYS A 508 -27.29 -14.12 11.48
N GLN A 509 -27.63 -15.25 10.88
CA GLN A 509 -28.03 -16.43 11.62
C GLN A 509 -26.84 -17.21 12.19
N PHE A 510 -25.60 -16.74 12.00
CA PHE A 510 -24.42 -17.44 12.54
C PHE A 510 -24.35 -17.32 14.08
N ASP A 511 -24.34 -18.48 14.76
CA ASP A 511 -24.26 -18.54 16.22
C ASP A 511 -23.20 -19.54 16.62
N THR A 512 -22.29 -19.15 17.54
CA THR A 512 -21.27 -20.10 18.02
C THR A 512 -21.83 -21.18 18.93
N TYR A 513 -23.01 -20.95 19.51
CA TYR A 513 -23.72 -21.88 20.35
C TYR A 513 -23.99 -23.18 19.60
N ASN A 514 -24.15 -23.15 18.27
CA ASN A 514 -24.39 -24.36 17.48
C ASN A 514 -23.17 -25.28 17.33
N LEU A 515 -22.00 -24.86 17.86
CA LEU A 515 -20.76 -25.62 17.77
C LEU A 515 -20.54 -26.57 18.94
N TRP A 516 -21.20 -26.34 20.08
CA TRP A 516 -21.07 -27.23 21.24
C TRP A 516 -21.66 -28.63 20.94
N ASN A 517 -22.76 -28.66 20.13
CA ASN A 517 -23.47 -29.86 19.66
C ASN A 517 -22.60 -30.82 18.86
N THR A 518 -21.53 -30.32 18.23
CA THR A 518 -20.61 -31.17 17.45
C THR A 518 -19.70 -32.05 18.39
N PHE A 519 -19.97 -32.04 19.71
CA PHE A 519 -19.27 -32.79 20.75
C PHE A 519 -20.32 -33.69 21.44
N THR A 520 -20.55 -34.90 20.90
CA THR A 520 -21.57 -35.80 21.43
C THR A 520 -21.04 -37.22 21.70
ZN ZN B . -6.65 11.51 -6.16
ZN ZN C . -8.92 -29.78 25.13
ZN ZN D . 22.08 3.25 8.63
P PO4 E . 11.51 -0.26 -2.40
O1 PO4 E . 10.96 -0.90 -1.09
O2 PO4 E . 11.20 -1.27 -3.62
O3 PO4 E . 13.09 -0.06 -2.30
O4 PO4 E . 10.81 1.15 -2.66
P PO4 F . -5.76 -27.87 16.91
O1 PO4 F . -6.18 -28.10 18.38
O2 PO4 F . -6.92 -28.34 15.92
O3 PO4 F . -5.50 -26.31 16.70
O4 PO4 F . -4.44 -28.73 16.62
N1 SZE G . 13.92 -1.34 3.31
C4 SZE G . 15.60 -2.48 1.93
C5 SZE G . 13.57 -1.25 4.65
C6 SZE G . 11.92 -1.39 6.25
C7 SZE G . 12.78 -1.10 7.27
C8 SZE G . 14.10 -0.89 6.98
F SZE G . 15.81 -0.73 5.36
C9 SZE G . 14.51 -0.95 5.66
N2 SZE G . 12.29 -1.44 4.96
C2 SZE G . 12.91 -1.46 2.23
C1 SZE G . 13.48 -1.79 0.87
C3 SZE G . 15.33 -1.39 2.93
O SZE G . 16.62 -3.16 1.97
N SZE G . 14.65 -2.65 1.00
C SZE G . 14.78 -3.78 0.07
#